data_3FEJ
#
_entry.id   3FEJ
#
_cell.length_a   54.173
_cell.length_b   68.817
_cell.length_c   88.774
_cell.angle_alpha   90.00
_cell.angle_beta   90.00
_cell.angle_gamma   90.00
#
_symmetry.space_group_name_H-M   'P 21 21 21'
#
loop_
_entity.id
_entity.type
_entity.pdbx_description
1 polymer 'Peroxisome proliferator-activated receptor gamma'
2 polymer 'peptide motif 3 of Nuclear receptor coactivator 1'
3 non-polymer '(2S)-3-(4-{[2-(4-chlorophenyl)-1,3-thiazol-4-yl]methoxy}-2-methylphenyl)-2-ethoxypropanoic acid'
4 water water
#
loop_
_entity_poly.entity_id
_entity_poly.type
_entity_poly.pdbx_seq_one_letter_code
_entity_poly.pdbx_strand_id
1 'polypeptide(L)'
;ESADLRALAKHLYDSYIKSFPLTKAKARAILTGKTTDKSPFVIYDMNSLMMGEDKIKFKHITPLQEQSKEVAIRIFQGCQ
FRSVEAVQEITEYAKSIPGFVNLDLNDQVTLLKYGVHEIIYTMLASLMNKDGVLISEGQGFMTREFLKSLRKPFGDFMEP
KFEFAVKFNALELDDSDLAIFIAVIILSGDRPGLLNVKPIEDIQDNLLQALELQLKLNHPESSQLFAKLLQKMTDLRQIV
TEHVQLLQVIKKTETDMSLHPLLQEIYKDLY
;
A
2 'polypeptide(L)' QTSHKLVQLLTTT B
#
loop_
_chem_comp.id
_chem_comp.type
_chem_comp.name
_chem_comp.formula
CTM non-polymer '(2S)-3-(4-{[2-(4-chlorophenyl)-1,3-thiazol-4-yl]methoxy}-2-methylphenyl)-2-ethoxypropanoic acid' 'C22 H22 Cl N O4 S'
#
# COMPACT_ATOMS: atom_id res chain seq x y z
N GLU A 1 -21.17 20.27 1.58
CA GLU A 1 -21.16 21.11 0.35
C GLU A 1 -19.89 20.93 -0.47
N SER A 2 -19.93 21.38 -1.72
CA SER A 2 -18.86 21.17 -2.69
C SER A 2 -17.52 21.79 -2.27
N ALA A 3 -17.54 23.02 -1.76
CA ALA A 3 -16.29 23.65 -1.31
C ALA A 3 -15.66 22.88 -0.15
N ASP A 4 -16.49 22.36 0.75
CA ASP A 4 -16.01 21.56 1.89
C ASP A 4 -15.35 20.26 1.39
N LEU A 5 -15.98 19.62 0.41
CA LEU A 5 -15.44 18.40 -0.19
C LEU A 5 -14.10 18.62 -0.88
N ARG A 6 -13.93 19.79 -1.49
CA ARG A 6 -12.67 20.13 -2.15
C ARG A 6 -11.59 20.45 -1.12
N ALA A 7 -11.98 21.11 -0.04
CA ALA A 7 -11.02 21.41 1.02
C ALA A 7 -10.55 20.10 1.68
N LEU A 8 -11.47 19.15 1.85
CA LEU A 8 -11.12 17.81 2.34
C LEU A 8 -10.17 17.08 1.40
N ALA A 9 -10.48 17.10 0.10
CA ALA A 9 -9.60 16.51 -0.92
C ALA A 9 -8.19 17.07 -0.85
N LYS A 10 -8.08 18.39 -0.78
CA LYS A 10 -6.79 19.06 -0.75
C LYS A 10 -6.03 18.77 0.56
N HIS A 11 -6.75 18.77 1.68
CA HIS A 11 -6.16 18.39 2.97
C HIS A 11 -5.55 16.99 2.91
N LEU A 12 -6.27 16.04 2.33
CA LEU A 12 -5.79 14.66 2.21
C LEU A 12 -4.56 14.56 1.30
N TYR A 13 -4.61 15.26 0.16
CA TYR A 13 -3.42 15.34 -0.71
C TYR A 13 -2.19 15.90 0.02
N ASP A 14 -2.38 17.00 0.76
CA ASP A 14 -1.28 17.61 1.52
C ASP A 14 -0.71 16.66 2.56
N SER A 15 -1.59 15.99 3.29
CA SER A 15 -1.19 14.95 4.25
C SER A 15 -0.45 13.77 3.59
N TYR A 16 -0.90 13.39 2.41
CA TYR A 16 -0.28 12.30 1.63
C TYR A 16 1.17 12.66 1.24
N ILE A 17 1.37 13.86 0.70
CA ILE A 17 2.71 14.38 0.38
C ILE A 17 3.62 14.43 1.62
N LYS A 18 3.05 14.82 2.76
CA LYS A 18 3.76 14.93 4.03
C LYS A 18 4.19 13.56 4.55
N SER A 19 3.38 12.53 4.25
CA SER A 19 3.56 11.17 4.81
C SER A 19 4.35 10.22 3.92
N PHE A 20 4.27 10.39 2.61
CA PHE A 20 4.87 9.44 1.68
C PHE A 20 5.94 10.11 0.82
N PRO A 21 7.21 9.87 1.15
CA PRO A 21 8.33 10.54 0.46
C PRO A 21 8.39 10.25 -1.03
N LEU A 22 8.08 9.02 -1.43
CA LEU A 22 8.06 8.64 -2.85
C LEU A 22 6.62 8.53 -3.38
N THR A 23 6.21 9.53 -4.16
CA THR A 23 4.86 9.59 -4.72
C THR A 23 4.80 8.86 -6.06
N LYS A 24 3.58 8.66 -6.55
CA LYS A 24 3.37 8.12 -7.89
C LYS A 24 3.95 9.02 -8.99
N ALA A 25 3.82 10.34 -8.83
CA ALA A 25 4.37 11.27 -9.82
C ALA A 25 5.89 11.08 -9.96
N LYS A 26 6.58 11.00 -8.83
CA LYS A 26 8.03 10.74 -8.81
C LYS A 26 8.34 9.36 -9.39
N ALA A 27 7.61 8.35 -8.93
CA ALA A 27 7.80 6.98 -9.41
C ALA A 27 7.63 6.88 -10.94
N ARG A 28 6.57 7.48 -11.48
CA ARG A 28 6.34 7.44 -12.93
C ARG A 28 7.46 8.15 -13.70
N ALA A 29 7.98 9.23 -13.14
CA ALA A 29 9.10 9.97 -13.74
C ALA A 29 10.36 9.11 -13.82
N ILE A 30 10.65 8.38 -12.75
CA ILE A 30 11.75 7.41 -12.72
C ILE A 30 11.52 6.28 -13.74
N LEU A 31 10.33 5.68 -13.71
CA LEU A 31 10.03 4.55 -14.59
C LEU A 31 10.04 4.87 -16.09
N THR A 32 9.83 6.13 -16.45
CA THR A 32 9.84 6.54 -17.86
C THR A 32 11.08 7.34 -18.24
N GLY A 33 12.02 7.44 -17.32
CA GLY A 33 13.26 8.18 -17.54
C GLY A 33 13.08 9.68 -17.78
N LYS A 34 12.04 10.27 -17.19
CA LYS A 34 11.84 11.72 -17.31
C LYS A 34 12.28 12.46 -16.04
N THR A 35 13.47 12.09 -15.56
CA THR A 35 14.10 12.72 -14.41
C THR A 35 15.57 13.05 -14.72
N THR A 36 16.20 13.86 -13.87
CA THR A 36 17.58 14.30 -14.09
C THR A 36 18.64 13.21 -13.83
N ASP A 37 19.33 13.31 -12.69
CA ASP A 37 20.54 12.51 -12.43
C ASP A 37 20.30 11.26 -11.57
N LYS A 38 19.44 10.35 -12.04
CA LYS A 38 19.01 9.19 -11.23
C LYS A 38 18.40 8.02 -12.02
N SER A 39 19.25 7.26 -12.72
CA SER A 39 18.81 6.07 -13.47
C SER A 39 18.98 4.81 -12.63
N PRO A 40 17.88 4.13 -12.30
CA PRO A 40 17.90 3.07 -11.28
C PRO A 40 18.70 1.83 -11.66
N PHE A 41 19.35 1.22 -10.66
CA PHE A 41 20.09 -0.03 -10.83
C PHE A 41 19.11 -1.19 -11.04
N VAL A 42 19.33 -1.96 -12.11
CA VAL A 42 18.43 -3.05 -12.46
C VAL A 42 18.90 -4.39 -11.90
N ILE A 43 18.04 -5.02 -11.09
CA ILE A 43 18.26 -6.36 -10.55
C ILE A 43 17.45 -7.35 -11.39
N TYR A 44 18.13 -8.20 -12.15
CA TYR A 44 17.46 -9.17 -13.03
C TYR A 44 17.92 -10.64 -12.82
N ASP A 45 19.00 -10.82 -12.05
CA ASP A 45 19.57 -12.14 -11.76
C ASP A 45 20.40 -12.11 -10.46
N MET A 46 20.96 -13.26 -10.09
CA MET A 46 21.75 -13.41 -8.85
C MET A 46 22.96 -12.47 -8.77
N ASN A 47 23.68 -12.34 -9.89
CA ASN A 47 24.85 -11.46 -9.99
C ASN A 47 24.46 -9.99 -9.92
N SER A 48 23.33 -9.66 -10.53
CA SER A 48 22.77 -8.31 -10.46
C SER A 48 22.41 -7.93 -9.03
N LEU A 49 21.84 -8.89 -8.30
CA LEU A 49 21.48 -8.71 -6.89
C LEU A 49 22.70 -8.47 -6.00
N MET A 50 23.80 -9.14 -6.32
CA MET A 50 25.07 -9.00 -5.61
C MET A 50 25.63 -7.59 -5.74
N MET A 51 25.65 -7.06 -6.97
CA MET A 51 26.15 -5.73 -7.28
C MET A 51 25.32 -4.61 -6.66
N GLY A 52 24.02 -4.86 -6.51
CA GLY A 52 23.09 -3.88 -5.97
C GLY A 52 23.04 -3.80 -4.45
N GLU A 53 23.85 -4.62 -3.78
CA GLU A 53 23.93 -4.61 -2.32
C GLU A 53 24.64 -3.37 -1.78
N ASP A 54 25.63 -2.89 -2.53
CA ASP A 54 26.39 -1.70 -2.16
C ASP A 54 25.59 -0.41 -2.35
N LYS A 55 24.71 -0.40 -3.35
CA LYS A 55 23.87 0.76 -3.65
C LYS A 55 22.46 0.58 -3.10
N LYS A 69 22.22 -15.10 4.06
CA LYS A 69 21.25 -16.16 3.79
C LYS A 69 21.12 -16.45 2.29
N GLU A 70 20.20 -17.34 1.93
CA GLU A 70 19.92 -17.62 0.52
C GLU A 70 19.08 -16.51 -0.13
N VAL A 71 19.10 -16.46 -1.46
CA VAL A 71 18.53 -15.38 -2.26
C VAL A 71 17.07 -15.05 -1.91
N ALA A 72 16.23 -16.10 -1.86
CA ALA A 72 14.80 -15.94 -1.62
C ALA A 72 14.51 -15.36 -0.24
N ILE A 73 15.29 -15.78 0.76
CA ILE A 73 15.15 -15.29 2.12
C ILE A 73 15.57 -13.83 2.21
N ARG A 74 16.67 -13.48 1.53
CA ARG A 74 17.16 -12.12 1.50
C ARG A 74 16.12 -11.15 0.94
N ILE A 75 15.53 -11.54 -0.20
CA ILE A 75 14.45 -10.79 -0.81
C ILE A 75 13.23 -10.68 0.12
N PHE A 76 12.82 -11.82 0.69
CA PHE A 76 11.70 -11.89 1.64
C PHE A 76 11.91 -10.95 2.82
N GLN A 77 13.12 -10.95 3.38
CA GLN A 77 13.43 -10.08 4.51
C GLN A 77 13.51 -8.60 4.08
N GLY A 78 13.94 -8.35 2.85
CA GLY A 78 13.91 -7.02 2.26
C GLY A 78 12.51 -6.44 2.13
N CYS A 79 11.54 -7.26 1.71
CA CYS A 79 10.15 -6.84 1.61
C CYS A 79 9.61 -6.51 3.00
N GLN A 80 10.04 -7.27 4.00
CA GLN A 80 9.59 -7.09 5.37
C GLN A 80 10.04 -5.75 5.94
N PHE A 81 11.30 -5.38 5.71
CA PHE A 81 11.81 -4.08 6.17
C PHE A 81 11.08 -2.93 5.46
N ARG A 82 10.86 -3.09 4.16
CA ARG A 82 10.09 -2.14 3.37
C ARG A 82 8.66 -2.04 3.90
N SER A 83 8.07 -3.19 4.18
CA SER A 83 6.71 -3.23 4.73
C SER A 83 6.59 -2.45 6.04
N VAL A 84 7.52 -2.64 6.98
CA VAL A 84 7.43 -1.90 8.25
C VAL A 84 7.59 -0.40 8.11
N GLU A 85 8.42 0.05 7.16
CA GLU A 85 8.51 1.47 6.82
C GLU A 85 7.15 2.00 6.31
N ALA A 86 6.53 1.25 5.42
CA ALA A 86 5.22 1.63 4.88
C ALA A 86 4.15 1.69 5.98
N VAL A 87 4.12 0.71 6.89
CA VAL A 87 3.17 0.73 8.01
C VAL A 87 3.29 2.03 8.82
N GLN A 88 4.52 2.44 9.10
CA GLN A 88 4.78 3.69 9.80
C GLN A 88 4.29 4.93 9.00
N GLU A 89 4.53 4.93 7.70
CA GLU A 89 4.10 6.04 6.84
C GLU A 89 2.58 6.11 6.77
N ILE A 90 1.95 4.94 6.61
CA ILE A 90 0.50 4.85 6.48
C ILE A 90 -0.20 5.24 7.78
N THR A 91 0.39 4.87 8.92
CA THR A 91 -0.15 5.28 10.22
C THR A 91 -0.12 6.80 10.40
N GLU A 92 0.97 7.42 9.99
CA GLU A 92 1.10 8.87 10.03
C GLU A 92 0.08 9.54 9.10
N TYR A 93 -0.16 8.95 7.94
CA TYR A 93 -1.22 9.42 7.06
C TYR A 93 -2.62 9.29 7.70
N ALA A 94 -2.94 8.12 8.26
CA ALA A 94 -4.25 7.87 8.88
C ALA A 94 -4.57 8.90 9.97
N LYS A 95 -3.55 9.27 10.74
CA LYS A 95 -3.71 10.24 11.82
C LYS A 95 -4.09 11.63 11.34
N SER A 96 -3.89 11.92 10.05
CA SER A 96 -4.30 13.20 9.48
C SER A 96 -5.67 13.14 8.73
N ILE A 97 -6.32 11.98 8.74
CA ILE A 97 -7.69 11.86 8.20
C ILE A 97 -8.66 12.45 9.26
N PRO A 98 -9.39 13.52 8.92
CA PRO A 98 -10.24 14.21 9.90
C PRO A 98 -11.19 13.23 10.60
N GLY A 99 -11.17 13.24 11.93
CA GLY A 99 -12.03 12.39 12.73
C GLY A 99 -11.39 11.10 13.21
N PHE A 100 -10.31 10.67 12.54
CA PHE A 100 -9.67 9.37 12.84
C PHE A 100 -9.09 9.25 14.26
N VAL A 101 -8.33 10.25 14.68
CA VAL A 101 -7.69 10.22 16.00
C VAL A 101 -8.67 10.37 17.16
N ASN A 102 -9.89 10.83 16.88
CA ASN A 102 -10.98 10.84 17.87
C ASN A 102 -11.73 9.52 18.02
N LEU A 103 -11.47 8.56 17.13
CA LEU A 103 -12.11 7.25 17.25
C LEU A 103 -11.52 6.52 18.44
N ASP A 104 -12.31 5.64 19.05
CA ASP A 104 -11.79 4.73 20.06
C ASP A 104 -10.46 4.17 19.56
N LEU A 105 -9.45 4.18 20.41
CA LEU A 105 -8.11 3.78 20.02
C LEU A 105 -8.02 2.29 19.61
N ASN A 106 -8.85 1.44 20.21
CA ASN A 106 -8.93 0.04 19.79
C ASN A 106 -9.46 -0.11 18.36
N ASP A 107 -10.39 0.76 17.98
CA ASP A 107 -10.92 0.76 16.62
C ASP A 107 -9.92 1.32 15.62
N GLN A 108 -9.11 2.30 16.04
CA GLN A 108 -7.99 2.76 15.22
C GLN A 108 -7.00 1.64 14.94
N VAL A 109 -6.66 0.86 15.97
CA VAL A 109 -5.78 -0.31 15.82
C VAL A 109 -6.38 -1.31 14.83
N THR A 110 -7.68 -1.58 14.98
CA THR A 110 -8.39 -2.51 14.11
C THR A 110 -8.37 -2.03 12.66
N LEU A 111 -8.72 -0.76 12.45
CA LEU A 111 -8.70 -0.17 11.12
C LEU A 111 -7.32 -0.30 10.48
N LEU A 112 -6.28 0.06 11.22
CA LEU A 112 -4.90 -0.06 10.77
C LEU A 112 -4.50 -1.51 10.46
N LYS A 113 -4.78 -2.40 11.40
CA LYS A 113 -4.50 -3.84 11.26
C LYS A 113 -5.09 -4.44 9.97
N TYR A 114 -6.34 -4.12 9.65
CA TYR A 114 -7.03 -4.67 8.48
C TYR A 114 -6.85 -3.86 7.19
N GLY A 115 -6.44 -2.60 7.31
CA GLY A 115 -6.32 -1.73 6.16
C GLY A 115 -4.93 -1.55 5.59
N VAL A 116 -3.91 -1.79 6.41
CA VAL A 116 -2.56 -1.36 6.08
C VAL A 116 -1.98 -2.09 4.86
N HIS A 117 -2.20 -3.40 4.78
CA HIS A 117 -1.71 -4.15 3.61
C HIS A 117 -2.47 -3.81 2.34
N GLU A 118 -3.76 -3.51 2.47
CA GLU A 118 -4.52 -3.07 1.30
C GLU A 118 -3.91 -1.78 0.74
N ILE A 119 -3.47 -0.89 1.62
CA ILE A 119 -2.84 0.38 1.22
C ILE A 119 -1.44 0.16 0.64
N ILE A 120 -0.66 -0.71 1.28
CA ILE A 120 0.66 -1.09 0.78
C ILE A 120 0.59 -1.59 -0.68
N TYR A 121 -0.36 -2.47 -0.99
CA TYR A 121 -0.47 -3.00 -2.35
C TYR A 121 -1.04 -1.98 -3.35
N THR A 122 -1.89 -1.07 -2.86
CA THR A 122 -2.35 0.05 -3.66
C THR A 122 -1.15 0.88 -4.11
N MET A 123 -0.33 1.26 -3.14
CA MET A 123 0.79 2.16 -3.37
C MET A 123 1.95 1.47 -4.07
N LEU A 124 2.09 0.16 -3.86
CA LEU A 124 3.04 -0.65 -4.64
C LEU A 124 2.79 -0.53 -6.15
N ALA A 125 1.52 -0.52 -6.55
CA ALA A 125 1.16 -0.36 -7.98
C ALA A 125 1.78 0.90 -8.59
N SER A 126 1.82 1.99 -7.81
CA SER A 126 2.46 3.24 -8.24
C SER A 126 3.92 3.02 -8.66
N LEU A 127 4.59 2.07 -8.02
CA LEU A 127 6.01 1.83 -8.25
C LEU A 127 6.27 0.70 -9.25
N MET A 128 5.21 0.19 -9.86
CA MET A 128 5.29 -0.99 -10.72
C MET A 128 4.91 -0.69 -12.16
N ASN A 129 5.49 -1.46 -13.07
CA ASN A 129 4.94 -1.65 -14.40
C ASN A 129 4.89 -3.16 -14.66
N LYS A 130 4.49 -3.55 -15.87
CA LYS A 130 4.41 -4.98 -16.21
C LYS A 130 5.75 -5.72 -16.10
N ASP A 131 6.86 -4.98 -16.12
CA ASP A 131 8.22 -5.58 -16.11
C ASP A 131 8.93 -5.69 -14.77
N GLY A 132 8.50 -4.90 -13.78
CA GLY A 132 9.18 -4.91 -12.50
C GLY A 132 8.72 -3.84 -11.55
N VAL A 133 9.50 -3.65 -10.48
CA VAL A 133 9.11 -2.78 -9.37
C VAL A 133 10.32 -2.01 -8.82
N LEU A 134 10.09 -0.74 -8.53
CA LEU A 134 11.10 0.10 -7.91
C LEU A 134 11.35 -0.34 -6.48
N ILE A 135 12.62 -0.36 -6.09
CA ILE A 135 13.05 -0.65 -4.72
C ILE A 135 14.00 0.46 -4.26
N SER A 136 14.38 0.43 -2.98
CA SER A 136 15.35 1.36 -2.41
C SER A 136 15.01 2.80 -2.75
N GLU A 137 13.78 3.20 -2.42
CA GLU A 137 13.31 4.57 -2.65
C GLU A 137 13.44 4.98 -4.12
N GLY A 138 13.25 4.02 -5.03
CA GLY A 138 13.32 4.29 -6.46
C GLY A 138 14.73 4.25 -7.04
N GLN A 139 15.72 3.93 -6.22
CA GLN A 139 17.11 3.85 -6.67
C GLN A 139 17.42 2.55 -7.43
N GLY A 140 16.56 1.55 -7.24
CA GLY A 140 16.70 0.27 -7.92
C GLY A 140 15.42 -0.20 -8.58
N PHE A 141 15.54 -1.20 -9.46
CA PHE A 141 14.40 -1.77 -10.17
C PHE A 141 14.57 -3.29 -10.26
N MET A 142 13.74 -4.01 -9.53
CA MET A 142 13.79 -5.48 -9.55
C MET A 142 12.82 -6.02 -10.58
N THR A 143 13.29 -6.90 -11.46
CA THR A 143 12.43 -7.39 -12.53
C THR A 143 11.40 -8.39 -12.04
N ARG A 144 10.24 -8.38 -12.69
CA ARG A 144 9.15 -9.31 -12.42
C ARG A 144 9.64 -10.74 -12.66
N GLU A 145 10.48 -10.90 -13.68
CA GLU A 145 11.01 -12.21 -14.07
C GLU A 145 11.98 -12.78 -13.04
N PHE A 146 12.83 -11.95 -12.47
CA PHE A 146 13.74 -12.39 -11.40
C PHE A 146 12.94 -12.86 -10.19
N LEU A 147 11.92 -12.07 -9.83
CA LEU A 147 11.08 -12.43 -8.68
C LEU A 147 10.36 -13.76 -8.90
N LYS A 148 9.93 -14.00 -10.13
CA LYS A 148 9.29 -15.27 -10.53
C LYS A 148 10.24 -16.48 -10.46
N SER A 149 11.54 -16.22 -10.62
CA SER A 149 12.57 -17.25 -10.62
C SER A 149 12.85 -17.84 -9.23
N LEU A 150 12.36 -17.17 -8.19
CA LEU A 150 12.66 -17.59 -6.81
C LEU A 150 12.02 -18.95 -6.50
N ARG A 151 12.71 -19.73 -5.69
CA ARG A 151 12.22 -21.07 -5.33
C ARG A 151 10.87 -21.04 -4.60
N LYS A 152 10.13 -22.14 -4.72
CA LYS A 152 8.92 -22.38 -3.94
C LYS A 152 9.28 -22.34 -2.44
N PRO A 153 8.48 -21.68 -1.60
CA PRO A 153 7.25 -20.96 -1.95
C PRO A 153 7.40 -19.44 -2.12
N PHE A 154 8.61 -18.95 -2.39
CA PHE A 154 8.86 -17.52 -2.51
C PHE A 154 8.63 -16.95 -3.91
N GLY A 155 8.65 -17.81 -4.91
CA GLY A 155 8.60 -17.37 -6.30
C GLY A 155 7.26 -16.85 -6.79
N ASP A 156 6.19 -17.11 -6.05
CA ASP A 156 4.85 -16.70 -6.45
C ASP A 156 4.28 -15.51 -5.67
N PHE A 157 5.05 -14.98 -4.72
CA PHE A 157 4.51 -13.93 -3.84
C PHE A 157 4.15 -12.63 -4.55
N MET A 158 4.90 -12.27 -5.59
CA MET A 158 4.70 -10.98 -6.26
C MET A 158 3.75 -10.99 -7.46
N GLU A 159 3.50 -12.16 -8.02
CA GLU A 159 2.67 -12.28 -9.22
C GLU A 159 1.25 -11.67 -9.11
N PRO A 160 0.50 -11.94 -8.04
CA PRO A 160 -0.83 -11.33 -7.90
C PRO A 160 -0.77 -9.81 -7.73
N LYS A 161 0.36 -9.29 -7.24
CA LYS A 161 0.51 -7.85 -7.02
C LYS A 161 0.79 -7.15 -8.34
N PHE A 162 1.63 -7.76 -9.19
CA PHE A 162 1.81 -7.30 -10.56
C PHE A 162 0.50 -7.37 -11.37
N GLU A 163 -0.23 -8.48 -11.24
CA GLU A 163 -1.50 -8.66 -11.96
C GLU A 163 -2.48 -7.52 -11.61
N PHE A 164 -2.62 -7.27 -10.32
CA PHE A 164 -3.43 -6.16 -9.83
C PHE A 164 -2.93 -4.81 -10.37
N ALA A 165 -1.62 -4.59 -10.27
CA ALA A 165 -1.03 -3.31 -10.61
C ALA A 165 -1.26 -2.92 -12.05
N VAL A 166 -1.06 -3.85 -12.98
CA VAL A 166 -1.22 -3.52 -14.40
C VAL A 166 -2.64 -3.02 -14.69
N LYS A 167 -3.64 -3.73 -14.15
CA LYS A 167 -5.04 -3.32 -14.32
C LYS A 167 -5.38 -2.04 -13.53
N PHE A 168 -4.86 -1.95 -12.32
CA PHE A 168 -5.10 -0.77 -11.49
C PHE A 168 -4.49 0.48 -12.15
N ASN A 169 -3.25 0.36 -12.61
CA ASN A 169 -2.54 1.45 -13.27
C ASN A 169 -3.23 1.93 -14.54
N ALA A 170 -3.97 1.04 -15.20
CA ALA A 170 -4.74 1.41 -16.38
C ALA A 170 -5.82 2.45 -16.08
N LEU A 171 -6.25 2.55 -14.82
CA LEU A 171 -7.20 3.59 -14.40
C LEU A 171 -6.60 5.00 -14.35
N GLU A 172 -5.27 5.08 -14.36
CA GLU A 172 -4.52 6.34 -14.49
C GLU A 172 -4.80 7.31 -13.32
N LEU A 173 -4.97 6.75 -12.13
CA LEU A 173 -5.19 7.61 -10.96
C LEU A 173 -3.91 8.37 -10.63
N ASP A 174 -4.04 9.56 -10.08
CA ASP A 174 -2.85 10.29 -9.65
C ASP A 174 -2.81 10.36 -8.13
N ASP A 175 -1.79 11.02 -7.59
CA ASP A 175 -1.60 11.11 -6.14
C ASP A 175 -2.79 11.75 -5.43
N SER A 176 -3.37 12.79 -6.05
CA SER A 176 -4.55 13.45 -5.50
C SER A 176 -5.75 12.51 -5.41
N ASP A 177 -5.94 11.64 -6.41
CA ASP A 177 -7.00 10.61 -6.37
C ASP A 177 -6.67 9.57 -5.31
N LEU A 178 -5.41 9.10 -5.33
CA LEU A 178 -4.94 8.06 -4.41
C LEU A 178 -5.09 8.42 -2.94
N ALA A 179 -4.83 9.68 -2.59
CA ALA A 179 -4.97 10.14 -1.21
C ALA A 179 -6.37 9.89 -0.64
N ILE A 180 -7.40 10.16 -1.41
CA ILE A 180 -8.77 9.93 -0.95
C ILE A 180 -9.13 8.44 -0.98
N PHE A 181 -8.74 7.76 -2.06
CA PHE A 181 -8.89 6.31 -2.19
C PHE A 181 -8.38 5.56 -0.94
N ILE A 182 -7.16 5.91 -0.51
CA ILE A 182 -6.51 5.29 0.64
C ILE A 182 -7.29 5.58 1.91
N ALA A 183 -7.76 6.82 2.04
CA ALA A 183 -8.53 7.22 3.22
C ALA A 183 -9.85 6.44 3.30
N VAL A 184 -10.53 6.27 2.16
CA VAL A 184 -11.78 5.48 2.10
C VAL A 184 -11.53 4.03 2.57
N ILE A 185 -10.43 3.43 2.11
CA ILE A 185 -10.09 2.07 2.50
C ILE A 185 -9.83 1.96 4.00
N ILE A 186 -9.13 2.94 4.57
CA ILE A 186 -8.79 2.86 5.99
C ILE A 186 -10.06 2.94 6.85
N LEU A 187 -10.98 3.82 6.46
CA LEU A 187 -12.22 4.00 7.22
C LEU A 187 -13.34 3.01 6.81
N SER A 188 -13.04 1.72 6.82
CA SER A 188 -14.01 0.70 6.44
C SER A 188 -14.74 0.19 7.68
N GLY A 189 -16.05 0.44 7.73
CA GLY A 189 -16.87 0.07 8.87
C GLY A 189 -17.12 -1.41 9.07
N ASP A 190 -16.67 -2.23 8.11
CA ASP A 190 -16.93 -3.67 8.16
C ASP A 190 -15.75 -4.54 8.62
N ARG A 191 -14.69 -3.93 9.15
CA ARG A 191 -13.57 -4.70 9.70
C ARG A 191 -14.02 -5.51 10.93
N PRO A 192 -13.53 -6.74 11.06
CA PRO A 192 -13.88 -7.60 12.21
C PRO A 192 -13.45 -7.01 13.54
N GLY A 193 -14.35 -7.03 14.52
CA GLY A 193 -14.02 -6.61 15.87
C GLY A 193 -14.19 -5.14 16.20
N LEU A 194 -14.67 -4.35 15.24
CA LEU A 194 -14.88 -2.91 15.48
C LEU A 194 -15.94 -2.68 16.55
N LEU A 195 -15.61 -1.83 17.51
CA LEU A 195 -16.53 -1.52 18.62
C LEU A 195 -17.66 -0.55 18.22
N ASN A 196 -17.29 0.55 17.56
CA ASN A 196 -18.22 1.60 17.17
C ASN A 196 -18.25 1.82 15.66
N VAL A 197 -19.13 1.12 14.96
CA VAL A 197 -19.16 1.13 13.49
C VAL A 197 -19.69 2.46 12.91
N LYS A 198 -20.69 3.03 13.57
CA LYS A 198 -21.37 4.21 13.07
C LYS A 198 -20.48 5.43 12.77
N PRO A 199 -19.67 5.89 13.73
CA PRO A 199 -18.76 7.02 13.49
C PRO A 199 -17.76 6.76 12.35
N ILE A 200 -17.38 5.50 12.14
CA ILE A 200 -16.46 5.15 11.05
C ILE A 200 -17.18 5.28 9.71
N GLU A 201 -18.38 4.70 9.63
CA GLU A 201 -19.21 4.79 8.42
C GLU A 201 -19.54 6.23 8.07
N ASP A 202 -19.81 7.07 9.08
CA ASP A 202 -20.07 8.50 8.85
C ASP A 202 -18.86 9.20 8.21
N ILE A 203 -17.66 8.92 8.71
CA ILE A 203 -16.44 9.50 8.14
C ILE A 203 -16.25 8.97 6.71
N GLN A 204 -16.39 7.65 6.55
CA GLN A 204 -16.24 7.06 5.21
C GLN A 204 -17.24 7.61 4.19
N ASP A 205 -18.46 7.87 4.63
CA ASP A 205 -19.50 8.45 3.76
C ASP A 205 -19.07 9.77 3.17
N ASN A 206 -18.51 10.63 4.02
CA ASN A 206 -17.99 11.92 3.60
C ASN A 206 -16.76 11.78 2.68
N LEU A 207 -15.87 10.84 3.01
CA LEU A 207 -14.71 10.55 2.15
C LEU A 207 -15.10 10.06 0.76
N LEU A 208 -16.14 9.23 0.71
CA LEU A 208 -16.68 8.70 -0.54
C LEU A 208 -17.27 9.80 -1.42
N GLN A 209 -17.96 10.76 -0.79
CA GLN A 209 -18.49 11.93 -1.51
C GLN A 209 -17.32 12.73 -2.07
N ALA A 210 -16.28 12.90 -1.27
CA ALA A 210 -15.09 13.64 -1.70
C ALA A 210 -14.39 12.92 -2.88
N LEU A 211 -14.29 11.60 -2.78
CA LEU A 211 -13.71 10.78 -3.85
C LEU A 211 -14.53 10.88 -5.13
N GLU A 212 -15.85 10.81 -5.00
CA GLU A 212 -16.73 10.87 -6.16
C GLU A 212 -16.51 12.22 -6.90
N LEU A 213 -16.50 13.31 -6.13
CA LEU A 213 -16.31 14.63 -6.72
C LEU A 213 -14.91 14.80 -7.32
N GLN A 214 -13.89 14.30 -6.61
CA GLN A 214 -12.51 14.31 -7.12
C GLN A 214 -12.36 13.61 -8.47
N LEU A 215 -12.90 12.39 -8.58
CA LEU A 215 -12.80 11.63 -9.82
C LEU A 215 -13.54 12.30 -10.98
N LYS A 216 -14.70 12.87 -10.69
CA LYS A 216 -15.49 13.60 -11.69
C LYS A 216 -14.75 14.82 -12.25
N LEU A 217 -14.09 15.57 -11.36
CA LEU A 217 -13.38 16.79 -11.77
C LEU A 217 -12.02 16.48 -12.40
N ASN A 218 -11.29 15.53 -11.80
CA ASN A 218 -9.96 15.16 -12.29
C ASN A 218 -9.97 14.29 -13.55
N HIS A 219 -11.03 13.50 -13.73
CA HIS A 219 -11.10 12.58 -14.89
C HIS A 219 -12.51 12.63 -15.51
N PRO A 220 -12.92 13.78 -16.04
CA PRO A 220 -14.33 13.96 -16.45
C PRO A 220 -14.79 12.98 -17.54
N GLU A 221 -13.86 12.51 -18.37
CA GLU A 221 -14.21 11.63 -19.48
C GLU A 221 -13.89 10.17 -19.23
N SER A 222 -13.52 9.81 -17.99
CA SER A 222 -13.26 8.41 -17.66
C SER A 222 -14.57 7.72 -17.21
N SER A 223 -15.07 6.82 -18.04
CA SER A 223 -16.40 6.28 -17.81
C SER A 223 -16.48 5.36 -16.61
N GLN A 224 -17.42 5.70 -15.74
CA GLN A 224 -17.72 4.92 -14.54
C GLN A 224 -16.47 4.72 -13.66
N LEU A 225 -15.59 5.72 -13.64
CA LEU A 225 -14.33 5.60 -12.90
C LEU A 225 -14.55 5.30 -11.41
N PHE A 226 -15.47 6.03 -10.78
CA PHE A 226 -15.80 5.84 -9.37
C PHE A 226 -16.21 4.41 -9.05
N ALA A 227 -17.14 3.86 -9.84
CA ALA A 227 -17.57 2.46 -9.71
C ALA A 227 -16.40 1.48 -9.87
N LYS A 228 -15.53 1.76 -10.84
CA LYS A 228 -14.35 0.93 -11.11
C LYS A 228 -13.39 0.94 -9.92
N LEU A 229 -13.19 2.11 -9.34
CA LEU A 229 -12.33 2.26 -8.17
C LEU A 229 -12.86 1.51 -6.97
N LEU A 230 -14.16 1.64 -6.73
CA LEU A 230 -14.77 0.98 -5.59
C LEU A 230 -14.58 -0.53 -5.67
N GLN A 231 -14.69 -1.10 -6.87
CA GLN A 231 -14.45 -2.52 -7.10
C GLN A 231 -13.01 -2.93 -6.77
N LYS A 232 -12.05 -2.05 -7.04
CA LYS A 232 -10.63 -2.31 -6.76
C LYS A 232 -10.38 -2.51 -5.28
N MET A 233 -11.11 -1.75 -4.46
CA MET A 233 -11.07 -1.89 -3.00
C MET A 233 -11.44 -3.31 -2.58
N THR A 234 -12.46 -3.90 -3.19
CA THR A 234 -12.78 -5.31 -2.89
C THR A 234 -11.70 -6.27 -3.40
N ASP A 235 -11.18 -6.04 -4.62
CA ASP A 235 -10.07 -6.86 -5.15
C ASP A 235 -8.84 -6.88 -4.25
N LEU A 236 -8.56 -5.76 -3.58
CA LEU A 236 -7.42 -5.67 -2.67
C LEU A 236 -7.47 -6.65 -1.51
N ARG A 237 -8.68 -6.91 -1.01
CA ARG A 237 -8.89 -7.84 0.10
C ARG A 237 -8.47 -9.27 -0.27
N GLN A 238 -8.75 -9.66 -1.52
CA GLN A 238 -8.37 -10.98 -2.04
C GLN A 238 -6.87 -11.15 -2.17
N ILE A 239 -6.18 -10.05 -2.52
CA ILE A 239 -4.72 -10.04 -2.60
C ILE A 239 -4.12 -10.27 -1.21
N VAL A 240 -4.67 -9.58 -0.21
CA VAL A 240 -4.23 -9.75 1.17
C VAL A 240 -4.47 -11.20 1.61
N THR A 241 -5.68 -11.71 1.36
CA THR A 241 -6.04 -13.09 1.69
C THR A 241 -5.01 -14.09 1.13
N GLU A 242 -4.72 -13.97 -0.15
CA GLU A 242 -3.72 -14.81 -0.83
C GLU A 242 -2.33 -14.71 -0.23
N HIS A 243 -1.90 -13.48 0.07
CA HIS A 243 -0.62 -13.25 0.73
C HIS A 243 -0.54 -13.90 2.11
N VAL A 244 -1.59 -13.76 2.91
CA VAL A 244 -1.68 -14.37 4.23
C VAL A 244 -1.54 -15.91 4.15
N GLN A 245 -2.23 -16.52 3.18
CA GLN A 245 -2.12 -17.97 2.96
C GLN A 245 -0.67 -18.38 2.71
N LEU A 246 0.02 -17.63 1.85
CA LEU A 246 1.44 -17.86 1.56
C LEU A 246 2.29 -17.72 2.84
N LEU A 247 2.00 -16.71 3.65
CA LEU A 247 2.73 -16.52 4.89
C LEU A 247 2.56 -17.69 5.88
N GLN A 248 1.36 -18.27 5.93
CA GLN A 248 1.09 -19.45 6.77
C GLN A 248 1.86 -20.67 6.29
N VAL A 249 1.98 -20.82 4.96
CA VAL A 249 2.82 -21.88 4.39
C VAL A 249 4.27 -21.72 4.89
N ILE A 250 4.80 -20.50 4.77
CA ILE A 250 6.17 -20.22 5.18
C ILE A 250 6.38 -20.47 6.68
N LYS A 251 5.44 -20.03 7.50
CA LYS A 251 5.51 -20.27 8.95
C LYS A 251 5.54 -21.77 9.27
N LYS A 252 4.68 -22.55 8.61
CA LYS A 252 4.59 -23.99 8.84
C LYS A 252 5.81 -24.78 8.38
N THR A 253 6.39 -24.40 7.24
CA THR A 253 7.39 -25.25 6.55
C THR A 253 8.81 -24.66 6.45
N GLU A 254 8.95 -23.38 6.76
CA GLU A 254 10.23 -22.69 6.77
C GLU A 254 10.51 -22.24 8.22
N THR A 255 10.49 -23.22 9.13
CA THR A 255 10.43 -23.00 10.59
C THR A 255 11.59 -22.21 11.22
N ASP A 256 12.69 -22.04 10.48
CA ASP A 256 13.82 -21.26 10.98
C ASP A 256 13.53 -19.75 11.01
N MET A 257 12.56 -19.33 10.19
CA MET A 257 12.23 -17.93 9.98
C MET A 257 11.06 -17.45 10.82
N SER A 258 11.00 -16.13 10.98
CA SER A 258 9.88 -15.45 11.62
C SER A 258 9.76 -14.03 11.05
N LEU A 259 8.56 -13.49 11.09
CA LEU A 259 8.31 -12.14 10.60
C LEU A 259 8.82 -11.10 11.59
N HIS A 260 9.14 -9.91 11.08
CA HIS A 260 9.40 -8.72 11.91
C HIS A 260 8.28 -8.60 12.97
N PRO A 261 8.65 -8.24 14.21
CA PRO A 261 7.65 -8.11 15.29
C PRO A 261 6.44 -7.21 14.98
N LEU A 262 6.64 -6.10 14.28
CA LEU A 262 5.52 -5.23 13.89
C LEU A 262 4.57 -5.98 12.95
N LEU A 263 5.15 -6.74 12.04
CA LEU A 263 4.34 -7.52 11.10
C LEU A 263 3.61 -8.67 11.80
N GLN A 264 4.27 -9.31 12.78
CA GLN A 264 3.66 -10.36 13.61
C GLN A 264 2.40 -9.83 14.29
N GLU A 265 2.49 -8.61 14.83
CA GLU A 265 1.39 -7.92 15.49
C GLU A 265 0.20 -7.70 14.56
N ILE A 266 0.47 -7.18 13.36
CA ILE A 266 -0.58 -6.98 12.36
C ILE A 266 -1.25 -8.30 11.97
N TYR A 267 -0.45 -9.32 11.69
CA TYR A 267 -0.98 -10.59 11.19
C TYR A 267 -1.63 -11.48 12.26
N LYS A 268 -1.28 -11.26 13.52
CA LYS A 268 -1.86 -12.04 14.63
C LYS A 268 -3.37 -11.83 14.65
N ASP A 269 -4.11 -12.93 14.61
CA ASP A 269 -5.58 -12.94 14.69
C ASP A 269 -6.27 -12.11 13.59
N LEU A 270 -5.57 -11.91 12.48
CA LEU A 270 -6.17 -11.24 11.32
C LEU A 270 -7.16 -12.21 10.68
N TYR A 271 -8.43 -11.81 10.68
CA TYR A 271 -9.56 -12.68 10.27
C TYR A 271 -9.63 -13.97 11.10
N HIS B 4 0.25 -3.32 20.58
CA HIS B 4 1.42 -2.84 21.37
C HIS B 4 2.24 -1.81 20.57
N LYS B 5 2.81 -2.26 19.45
CA LYS B 5 3.58 -1.37 18.58
C LYS B 5 2.68 -0.41 17.79
N LEU B 6 1.50 -0.90 17.39
CA LEU B 6 0.53 -0.08 16.66
C LEU B 6 -0.01 1.07 17.52
N VAL B 7 -0.31 0.77 18.79
CA VAL B 7 -0.72 1.80 19.76
C VAL B 7 0.33 2.90 19.91
N GLN B 8 1.60 2.52 20.00
CA GLN B 8 2.70 3.50 20.09
C GLN B 8 2.75 4.40 18.87
N LEU B 9 2.66 3.81 17.68
CA LEU B 9 2.65 4.61 16.44
C LEU B 9 1.45 5.54 16.36
N LEU B 10 0.29 5.06 16.81
CA LEU B 10 -0.95 5.85 16.73
C LEU B 10 -0.99 7.05 17.68
N THR B 11 -0.23 7.00 18.76
CA THR B 11 -0.30 8.04 19.80
C THR B 11 0.92 8.94 19.88
N THR B 12 1.94 8.66 19.07
CA THR B 12 3.12 9.53 18.95
C THR B 12 2.73 10.88 18.38
N THR B 13 3.35 11.95 18.89
CA THR B 13 3.14 13.30 18.37
C THR B 13 4.42 13.96 17.87
N1 CTM C . 10.41 -5.11 -2.38
C2 CTM C . 11.33 -6.00 -2.66
S3 CTM C . 10.80 -7.36 -3.61
C4 CTM C . 9.21 -5.48 -2.90
C5 CTM C . 9.22 -6.64 -3.59
C6 CTM C . 4.25 -8.09 4.26
C7 CTM C . 4.98 -6.57 0.81
C8 CTM C . 4.22 -6.95 2.06
C9 CTM C . 12.71 -5.88 -2.21
C10 CTM C . 5.00 -7.43 -0.29
C11 CTM C . 5.06 -7.80 3.02
C12 CTM C . 5.64 -7.04 -1.46
O13 CTM C . 3.52 -9.12 4.28
C14 CTM C . 5.62 -5.34 0.75
C15 CTM C . 13.66 -6.85 -2.53
C16 CTM C . 13.10 -4.79 -1.42
C17 CTM C . 8.00 -4.62 -2.69
C18 CTM C . 6.26 -5.80 -1.52
O19 CTM C . 6.84 -5.43 -2.72
O20 CTM C . 4.28 -7.26 5.21
C21 CTM C . 15.33 -5.66 -1.26
C22 CTM C . 6.28 -4.95 -0.42
C23 CTM C . 14.97 -6.75 -2.06
C24 CTM C . 14.40 -4.68 -0.95
CL25 CTM C . 16.98 -5.54 -0.65
O26 CTM C . 5.47 -9.02 2.40
C27 CTM C . 4.32 -8.77 -0.26
C28 CTM C . 6.68 -9.52 2.97
C29 CTM C . 7.10 -10.81 2.27
#